data_5J10
#
_entry.id   5J10
#
_cell.length_a   41.740
_cell.length_b   42.120
_cell.length_c   123.670
_cell.angle_alpha   90.00
_cell.angle_beta   90.00
_cell.angle_gamma   90.00
#
_symmetry.space_group_name_H-M   'P 21 21 21'
#
loop_
_entity.id
_entity.type
_entity.pdbx_description
1 polymer 'peptide design 2L4HC2_24'
2 water water
#
_entity_poly.entity_id   1
_entity_poly.type   'polypeptide(L)'
_entity_poly.pdbx_seq_one_letter_code
;GSHMGTDTDELLRLAKEQAELLKEIKKLVEEIARLVKEIQEDPSDELLKTLAELVRKLKELVEDMERSMKEQLYIIKKQK
S
;
_entity_poly.pdbx_strand_id   A,B
#
# COMPACT_ATOMS: atom_id res chain seq x y z
N THR A 8 27.12 6.00 -2.72
CA THR A 8 27.97 5.32 -3.69
C THR A 8 27.23 4.21 -4.41
N ASP A 9 26.35 3.51 -3.69
CA ASP A 9 25.56 2.43 -4.26
C ASP A 9 24.14 2.93 -4.50
N GLU A 10 23.76 3.15 -5.76
CA GLU A 10 22.46 3.73 -6.06
C GLU A 10 21.32 2.75 -5.84
N LEU A 11 21.59 1.46 -6.02
CA LEU A 11 20.58 0.44 -5.77
C LEU A 11 20.27 0.38 -4.27
N LEU A 12 21.30 0.58 -3.46
CA LEU A 12 21.14 0.63 -2.01
C LEU A 12 20.37 1.88 -1.61
N ARG A 13 20.70 3.00 -2.24
CA ARG A 13 20.05 4.27 -1.96
C ARG A 13 18.55 4.19 -2.23
N LEU A 14 18.20 3.65 -3.40
CA LEU A 14 16.79 3.53 -3.79
C LEU A 14 16.03 2.52 -2.94
N ALA A 15 16.67 1.40 -2.62
CA ALA A 15 16.05 0.37 -1.79
C ALA A 15 15.74 0.92 -0.42
N LYS A 16 16.67 1.68 0.14
CA LYS A 16 16.44 2.39 1.39
C LYS A 16 15.36 3.45 1.19
N GLU A 17 15.28 3.99 -0.03
CA GLU A 17 14.27 4.99 -0.37
C GLU A 17 12.93 4.40 -0.78
N GLN A 18 12.81 3.08 -0.75
CA GLN A 18 11.52 2.44 -0.94
C GLN A 18 11.05 1.83 0.38
N ALA A 19 12.02 1.56 1.25
CA ALA A 19 11.75 0.88 2.53
C ALA A 19 11.07 1.81 3.53
N GLU A 20 11.45 3.09 3.51
CA GLU A 20 10.91 4.05 4.46
C GLU A 20 9.52 4.47 4.01
N LEU A 21 9.28 4.43 2.69
CA LEU A 21 7.97 4.74 2.15
C LEU A 21 7.00 3.65 2.53
N LEU A 22 7.42 2.40 2.38
CA LEU A 22 6.55 1.28 2.70
C LEU A 22 6.27 1.20 4.18
N LYS A 23 7.28 1.51 5.00
CA LYS A 23 7.09 1.58 6.44
C LYS A 23 6.00 2.58 6.78
N GLU A 24 6.04 3.74 6.11
CA GLU A 24 5.00 4.76 6.27
C GLU A 24 3.63 4.29 5.75
N ILE A 25 3.63 3.63 4.60
CA ILE A 25 2.41 3.06 4.04
C ILE A 25 1.80 2.01 4.96
N LYS A 26 2.65 1.16 5.50
CA LYS A 26 2.22 0.11 6.43
C LYS A 26 1.52 0.70 7.66
N LYS A 27 2.10 1.76 8.22
CA LYS A 27 1.51 2.48 9.35
C LYS A 27 0.12 3.02 9.03
N LEU A 28 0.01 3.70 7.90
CA LEU A 28 -1.23 4.29 7.43
C LEU A 28 -2.30 3.23 7.17
N VAL A 29 -1.89 2.11 6.58
CA VAL A 29 -2.81 1.01 6.30
C VAL A 29 -3.35 0.43 7.62
N GLU A 30 -2.48 0.28 8.62
CA GLU A 30 -2.92 -0.22 9.92
C GLU A 30 -3.85 0.77 10.61
N GLU A 31 -3.63 2.07 10.37
CA GLU A 31 -4.49 3.12 10.90
C GLU A 31 -5.87 3.04 10.24
N ILE A 32 -5.87 2.82 8.93
CA ILE A 32 -7.09 2.69 8.15
C ILE A 32 -7.89 1.47 8.62
N ALA A 33 -7.20 0.37 8.88
CA ALA A 33 -7.85 -0.84 9.36
C ALA A 33 -8.58 -0.59 10.68
N ARG A 34 -7.91 0.05 11.64
CA ARG A 34 -8.54 0.36 12.93
C ARG A 34 -9.72 1.32 12.78
N LEU A 35 -9.58 2.29 11.88
CA LEU A 35 -10.63 3.25 11.63
C LEU A 35 -11.88 2.59 11.05
N VAL A 36 -11.68 1.66 10.12
CA VAL A 36 -12.78 0.91 9.54
C VAL A 36 -13.54 0.15 10.64
N LYS A 37 -12.81 -0.45 11.57
CA LYS A 37 -13.43 -1.14 12.69
C LYS A 37 -14.31 -0.19 13.52
N GLU A 38 -13.86 1.05 13.68
CA GLU A 38 -14.66 2.05 14.41
C GLU A 38 -15.88 2.49 13.60
N ILE A 39 -15.72 2.56 12.28
CA ILE A 39 -16.83 2.92 11.41
C ILE A 39 -17.91 1.86 11.45
N GLN A 40 -17.50 0.60 11.57
CA GLN A 40 -18.45 -0.49 11.70
C GLN A 40 -19.27 -0.36 12.99
N GLU A 41 -18.70 0.30 14.00
CA GLU A 41 -19.41 0.56 15.25
C GLU A 41 -20.25 1.85 15.19
N ASP A 42 -19.77 2.83 14.44
CA ASP A 42 -20.46 4.11 14.29
C ASP A 42 -20.15 4.70 12.93
N PRO A 43 -20.95 4.36 11.91
CA PRO A 43 -20.66 4.81 10.55
C PRO A 43 -21.05 6.27 10.31
N SER A 44 -20.42 7.17 11.05
CA SER A 44 -20.77 8.59 10.96
C SER A 44 -20.13 9.25 9.75
N ASP A 45 -20.76 10.33 9.28
CA ASP A 45 -20.24 11.10 8.15
C ASP A 45 -18.81 11.60 8.41
N GLU A 46 -18.55 11.99 9.65
CA GLU A 46 -17.24 12.55 10.01
C GLU A 46 -16.12 11.49 9.92
N LEU A 47 -16.36 10.31 10.46
CA LEU A 47 -15.36 9.24 10.39
C LEU A 47 -15.12 8.76 8.96
N LEU A 48 -16.18 8.78 8.15
CA LEU A 48 -16.07 8.36 6.75
C LEU A 48 -15.32 9.42 5.93
N LYS A 49 -15.50 10.69 6.30
CA LYS A 49 -14.75 11.76 5.66
C LYS A 49 -13.26 11.63 5.99
N THR A 50 -12.97 11.25 7.22
CA THR A 50 -11.60 11.02 7.66
C THR A 50 -10.99 9.85 6.89
N LEU A 51 -11.74 8.77 6.75
CA LEU A 51 -11.27 7.59 6.04
C LEU A 51 -10.94 7.92 4.58
N ALA A 52 -11.82 8.69 3.94
CA ALA A 52 -11.59 9.12 2.56
C ALA A 52 -10.31 9.94 2.44
N GLU A 53 -10.03 10.77 3.44
CA GLU A 53 -8.82 11.57 3.46
C GLU A 53 -7.59 10.69 3.61
N LEU A 54 -7.67 9.70 4.49
CA LEU A 54 -6.55 8.79 4.71
C LEU A 54 -6.26 7.98 3.44
N VAL A 55 -7.29 7.62 2.70
CA VAL A 55 -7.12 6.82 1.49
C VAL A 55 -6.50 7.64 0.35
N ARG A 56 -6.89 8.90 0.23
CA ARG A 56 -6.24 9.82 -0.71
C ARG A 56 -4.75 9.98 -0.40
N LYS A 57 -4.43 10.07 0.89
CA LYS A 57 -3.05 10.15 1.33
C LYS A 57 -2.31 8.87 0.98
N LEU A 58 -3.00 7.75 1.13
CA LEU A 58 -2.43 6.44 0.77
C LEU A 58 -2.13 6.37 -0.72
N LYS A 59 -3.08 6.80 -1.55
CA LYS A 59 -2.87 6.86 -3.00
C LYS A 59 -1.59 7.60 -3.38
N GLU A 60 -1.38 8.75 -2.71
CA GLU A 60 -0.20 9.58 -3.00
C GLU A 60 1.11 8.88 -2.64
N LEU A 61 1.12 8.14 -1.53
CA LEU A 61 2.32 7.43 -1.11
C LEU A 61 2.64 6.27 -2.05
N VAL A 62 1.61 5.58 -2.51
CA VAL A 62 1.79 4.49 -3.47
C VAL A 62 2.35 5.06 -4.77
N GLU A 63 1.84 6.21 -5.21
CA GLU A 63 2.36 6.86 -6.41
C GLU A 63 3.81 7.29 -6.23
N ASP A 64 4.16 7.72 -5.02
CA ASP A 64 5.54 8.10 -4.68
C ASP A 64 6.52 6.94 -4.87
N MET A 65 6.02 5.72 -4.78
CA MET A 65 6.87 4.55 -4.98
C MET A 65 7.10 4.23 -6.45
N GLU A 66 6.29 4.81 -7.33
CA GLU A 66 6.31 4.42 -8.74
C GLU A 66 7.61 4.76 -9.46
N ARG A 67 8.05 6.01 -9.36
CA ARG A 67 9.26 6.43 -10.06
C ARG A 67 10.46 5.60 -9.63
N SER A 68 10.61 5.45 -8.31
CA SER A 68 11.69 4.67 -7.74
C SER A 68 11.65 3.22 -8.20
N MET A 69 10.45 2.65 -8.24
CA MET A 69 10.28 1.27 -8.69
C MET A 69 10.74 1.12 -10.13
N LYS A 70 10.34 2.07 -10.98
CA LYS A 70 10.70 2.03 -12.39
C LYS A 70 12.20 2.23 -12.57
N GLU A 71 12.80 3.08 -11.75
CA GLU A 71 14.24 3.30 -11.77
C GLU A 71 15.02 2.05 -11.40
N GLN A 72 14.59 1.41 -10.32
CA GLN A 72 15.24 0.19 -9.85
C GLN A 72 15.21 -0.87 -10.94
N LEU A 73 14.05 -1.01 -11.56
CA LEU A 73 13.85 -1.97 -12.64
C LEU A 73 14.78 -1.64 -13.81
N TYR A 74 14.85 -0.36 -14.17
CA TYR A 74 15.67 0.07 -15.29
C TYR A 74 17.15 -0.18 -15.00
N ILE A 75 17.58 0.19 -13.80
CA ILE A 75 18.97 0.02 -13.35
C ILE A 75 19.38 -1.44 -13.34
N ILE A 76 18.52 -2.30 -12.82
CA ILE A 76 18.83 -3.72 -12.66
C ILE A 76 18.81 -4.48 -13.99
N LYS A 77 17.83 -4.20 -14.85
CA LYS A 77 17.73 -4.87 -16.15
C LYS A 77 18.97 -4.67 -17.02
N THR B 8 21.60 -10.64 -7.77
CA THR B 8 22.04 -10.62 -9.16
C THR B 8 20.85 -10.97 -10.06
N ASP B 9 20.72 -12.24 -10.42
CA ASP B 9 19.48 -12.72 -11.03
C ASP B 9 18.37 -12.64 -9.99
N GLU B 10 18.78 -12.72 -8.72
CA GLU B 10 17.86 -12.58 -7.60
C GLU B 10 17.39 -11.14 -7.44
N LEU B 11 18.29 -10.18 -7.64
CA LEU B 11 17.92 -8.77 -7.54
C LEU B 11 16.86 -8.44 -8.59
N LEU B 12 17.01 -9.01 -9.78
CA LEU B 12 16.05 -8.81 -10.86
C LEU B 12 14.71 -9.46 -10.55
N ARG B 13 14.75 -10.71 -10.08
CA ARG B 13 13.55 -11.43 -9.70
C ARG B 13 12.77 -10.68 -8.62
N LEU B 14 13.50 -10.15 -7.65
CA LEU B 14 12.87 -9.43 -6.54
C LEU B 14 12.28 -8.10 -7.03
N ALA B 15 13.01 -7.41 -7.90
CA ALA B 15 12.52 -6.15 -8.46
C ALA B 15 11.19 -6.34 -9.20
N LYS B 16 11.12 -7.36 -10.06
CA LYS B 16 9.90 -7.65 -10.79
C LYS B 16 8.77 -8.09 -9.86
N GLU B 17 9.14 -8.76 -8.77
CA GLU B 17 8.17 -9.16 -7.75
C GLU B 17 7.55 -7.94 -7.09
N GLN B 18 8.39 -6.97 -6.75
CA GLN B 18 7.95 -5.72 -6.14
C GLN B 18 7.07 -4.91 -7.08
N ALA B 19 7.45 -4.85 -8.35
CA ALA B 19 6.69 -4.10 -9.35
C ALA B 19 5.28 -4.68 -9.52
N GLU B 20 5.17 -6.00 -9.47
CA GLU B 20 3.88 -6.65 -9.64
C GLU B 20 3.01 -6.40 -8.40
N LEU B 21 3.66 -6.41 -7.23
CA LEU B 21 2.98 -6.11 -5.98
C LEU B 21 2.50 -4.66 -5.95
N LEU B 22 3.34 -3.75 -6.42
CA LEU B 22 2.97 -2.34 -6.46
C LEU B 22 1.78 -2.11 -7.38
N LYS B 23 1.76 -2.84 -8.49
CA LYS B 23 0.65 -2.76 -9.44
C LYS B 23 -0.65 -3.20 -8.78
N GLU B 24 -0.61 -4.34 -8.07
CA GLU B 24 -1.76 -4.86 -7.35
C GLU B 24 -2.20 -3.92 -6.23
N ILE B 25 -1.23 -3.32 -5.54
CA ILE B 25 -1.54 -2.41 -4.44
C ILE B 25 -2.22 -1.14 -4.94
N LYS B 26 -1.68 -0.55 -6.00
CA LYS B 26 -2.26 0.66 -6.59
C LYS B 26 -3.71 0.41 -6.99
N LYS B 27 -3.94 -0.71 -7.68
CA LYS B 27 -5.26 -1.11 -8.13
C LYS B 27 -6.24 -1.32 -6.97
N LEU B 28 -5.76 -1.97 -5.91
CA LEU B 28 -6.55 -2.23 -4.71
C LEU B 28 -6.89 -0.95 -3.94
N VAL B 29 -5.95 -0.02 -3.85
CA VAL B 29 -6.20 1.24 -3.16
C VAL B 29 -7.25 2.06 -3.92
N GLU B 30 -7.20 2.01 -5.25
CA GLU B 30 -8.23 2.68 -6.06
C GLU B 30 -9.60 2.04 -5.84
N GLU B 31 -9.63 0.72 -5.71
CA GLU B 31 -10.87 0.01 -5.43
C GLU B 31 -11.44 0.40 -4.08
N ILE B 32 -10.56 0.50 -3.09
CA ILE B 32 -10.94 0.90 -1.74
C ILE B 32 -11.52 2.31 -1.74
N ALA B 33 -10.87 3.22 -2.46
CA ALA B 33 -11.33 4.61 -2.55
C ALA B 33 -12.76 4.68 -3.10
N ARG B 34 -13.04 3.91 -4.14
CA ARG B 34 -14.37 3.90 -4.73
C ARG B 34 -15.41 3.29 -3.79
N LEU B 35 -15.03 2.23 -3.07
CA LEU B 35 -15.93 1.59 -2.12
C LEU B 35 -16.27 2.51 -0.96
N VAL B 36 -15.29 3.30 -0.50
CA VAL B 36 -15.54 4.25 0.58
C VAL B 36 -16.59 5.28 0.17
N LYS B 37 -16.54 5.69 -1.10
CA LYS B 37 -17.56 6.58 -1.65
C LYS B 37 -18.95 5.94 -1.64
N GLU B 38 -19.03 4.66 -2.00
CA GLU B 38 -20.29 3.92 -1.94
C GLU B 38 -20.82 3.85 -0.52
N ILE B 39 -19.92 3.62 0.42
CA ILE B 39 -20.30 3.47 1.83
C ILE B 39 -20.82 4.80 2.38
N GLN B 40 -20.27 5.90 1.88
CA GLN B 40 -20.79 7.22 2.23
C GLN B 40 -22.22 7.41 1.72
N GLU B 41 -22.59 6.64 0.69
CA GLU B 41 -23.96 6.66 0.16
C GLU B 41 -24.86 5.67 0.89
N ASP B 42 -24.31 4.54 1.28
CA ASP B 42 -25.06 3.49 1.98
C ASP B 42 -24.11 2.71 2.90
N PRO B 43 -23.99 3.13 4.16
CA PRO B 43 -23.08 2.49 5.11
C PRO B 43 -23.59 1.15 5.66
N SER B 44 -23.89 0.21 4.77
CA SER B 44 -24.44 -1.07 5.18
C SER B 44 -23.36 -1.94 5.82
N ASP B 45 -23.81 -2.93 6.60
CA ASP B 45 -22.91 -3.89 7.21
C ASP B 45 -22.12 -4.67 6.17
N GLU B 46 -22.78 -5.01 5.07
CA GLU B 46 -22.16 -5.84 4.04
C GLU B 46 -21.03 -5.09 3.33
N LEU B 47 -21.26 -3.82 2.99
CA LEU B 47 -20.24 -3.02 2.31
C LEU B 47 -19.04 -2.74 3.23
N LEU B 48 -19.31 -2.59 4.52
CA LEU B 48 -18.25 -2.36 5.50
C LEU B 48 -17.46 -3.63 5.78
N LYS B 49 -18.13 -4.77 5.74
CA LYS B 49 -17.45 -6.06 5.84
C LYS B 49 -16.50 -6.25 4.67
N THR B 50 -16.97 -5.89 3.48
CA THR B 50 -16.18 -5.96 2.27
C THR B 50 -14.94 -5.06 2.35
N LEU B 51 -15.15 -3.84 2.82
CA LEU B 51 -14.04 -2.89 2.99
C LEU B 51 -12.99 -3.42 3.95
N ALA B 52 -13.45 -4.04 5.04
CA ALA B 52 -12.53 -4.62 6.01
C ALA B 52 -11.71 -5.72 5.36
N GLU B 53 -12.34 -6.51 4.50
CA GLU B 53 -11.66 -7.59 3.80
C GLU B 53 -10.62 -7.03 2.82
N LEU B 54 -10.96 -5.96 2.11
CA LEU B 54 -10.01 -5.36 1.17
C LEU B 54 -8.79 -4.78 1.87
N VAL B 55 -9.01 -4.17 3.03
CA VAL B 55 -7.92 -3.59 3.81
C VAL B 55 -7.00 -4.68 4.36
N ARG B 56 -7.57 -5.81 4.77
CA ARG B 56 -6.76 -6.95 5.18
C ARG B 56 -5.90 -7.46 4.04
N LYS B 57 -6.49 -7.59 2.86
CA LYS B 57 -5.76 -7.96 1.64
C LYS B 57 -4.64 -6.95 1.34
N LEU B 58 -4.94 -5.67 1.52
CA LEU B 58 -3.97 -4.61 1.28
C LEU B 58 -2.77 -4.74 2.23
N LYS B 59 -3.05 -5.02 3.50
CA LYS B 59 -1.99 -5.18 4.48
C LYS B 59 -1.07 -6.34 4.11
N GLU B 60 -1.67 -7.44 3.65
CA GLU B 60 -0.91 -8.60 3.18
C GLU B 60 0.05 -8.25 2.02
N LEU B 61 -0.47 -7.51 1.04
CA LEU B 61 0.33 -7.11 -0.12
C LEU B 61 1.48 -6.19 0.29
N VAL B 62 1.18 -5.26 1.19
CA VAL B 62 2.20 -4.34 1.68
C VAL B 62 3.28 -5.11 2.45
N GLU B 63 2.86 -6.08 3.24
CA GLU B 63 3.81 -6.96 3.92
C GLU B 63 4.69 -7.69 2.92
N ASP B 64 4.07 -8.25 1.87
CA ASP B 64 4.80 -8.96 0.84
C ASP B 64 5.83 -8.07 0.15
N MET B 65 5.45 -6.83 -0.14
CA MET B 65 6.38 -5.94 -0.82
C MET B 65 7.51 -5.54 0.12
N GLU B 66 7.19 -5.36 1.40
CA GLU B 66 8.19 -4.98 2.40
C GLU B 66 9.21 -6.09 2.59
N ARG B 67 8.73 -7.33 2.61
CA ARG B 67 9.60 -8.49 2.77
C ARG B 67 10.50 -8.68 1.56
N SER B 68 9.96 -8.42 0.37
CA SER B 68 10.75 -8.51 -0.84
C SER B 68 11.84 -7.45 -0.85
N MET B 69 11.48 -6.22 -0.46
CA MET B 69 12.44 -5.12 -0.42
C MET B 69 13.54 -5.36 0.60
N LYS B 70 13.18 -5.92 1.75
CA LYS B 70 14.16 -6.20 2.79
C LYS B 70 15.14 -7.31 2.36
N GLU B 71 14.62 -8.35 1.72
CA GLU B 71 15.48 -9.39 1.17
C GLU B 71 16.46 -8.80 0.16
N GLN B 72 15.96 -7.89 -0.67
CA GLN B 72 16.80 -7.26 -1.66
C GLN B 72 17.87 -6.41 -0.99
N LEU B 73 17.48 -5.71 0.08
CA LEU B 73 18.42 -4.93 0.87
C LEU B 73 19.52 -5.81 1.47
N TYR B 74 19.11 -6.97 1.99
CA TYR B 74 20.06 -7.93 2.56
C TYR B 74 21.10 -8.31 1.53
N ILE B 75 20.64 -8.74 0.36
CA ILE B 75 21.52 -9.17 -0.73
C ILE B 75 22.45 -8.04 -1.18
N ILE B 76 21.90 -6.83 -1.30
CA ILE B 76 22.71 -5.67 -1.70
C ILE B 76 23.81 -5.39 -0.67
N LYS B 77 23.42 -5.30 0.61
CA LYS B 77 24.36 -5.06 1.69
C LYS B 77 25.45 -6.14 1.76
#